data_1M4R
#
_entry.id   1M4R
#
_cell.length_a   55.430
_cell.length_b   61.610
_cell.length_c   73.470
_cell.angle_alpha   90.00
_cell.angle_beta   90.00
_cell.angle_gamma   90.00
#
_symmetry.space_group_name_H-M   'P 21 21 21'
#
loop_
_entity.id
_entity.type
_entity.pdbx_description
1 polymer Interleukin-22
2 water water
#
_entity_poly.entity_id   1
_entity_poly.type   'polypeptide(L)'
_entity_poly.pdbx_seq_one_letter_code
;QGGAAAPISSHCRLDKSNFQQPYITNRTFMLAKEASLADNNTDVRLIGEKLFHGVSMSERCYLMKQVLNFTLEEVLFPQS
DRFQPYMQEVVPFLARLSNRLSTCHIEGDDLHIQRNVQKLKDTVKKLGESGEIKAIGELDLLFMSLRNACI
;
_entity_poly.pdbx_strand_id   A,B
#
# COMPACT_ATOMS: atom_id res chain seq x y z
N SER A 10 20.32 -16.75 4.06
CA SER A 10 20.15 -15.45 4.76
C SER A 10 18.66 -15.15 4.97
N HIS A 11 18.39 -14.21 5.89
CA HIS A 11 17.03 -13.81 6.22
C HIS A 11 16.51 -12.78 5.22
N CYS A 12 15.29 -12.99 4.71
CA CYS A 12 14.75 -12.04 3.75
C CYS A 12 14.28 -10.78 4.46
N ARG A 13 14.77 -9.64 4.01
CA ARG A 13 14.39 -8.37 4.61
C ARG A 13 14.81 -7.23 3.69
N LEU A 14 14.15 -6.08 3.85
CA LEU A 14 14.44 -4.89 3.05
C LEU A 14 14.36 -3.68 3.95
N ASP A 15 15.40 -2.87 3.98
CA ASP A 15 15.40 -1.68 4.82
C ASP A 15 14.19 -0.83 4.45
N LYS A 16 13.56 -0.20 5.43
CA LYS A 16 12.40 0.63 5.17
C LYS A 16 12.68 1.82 4.23
N SER A 17 13.93 2.25 4.15
CA SER A 17 14.26 3.38 3.25
C SER A 17 13.92 3.07 1.80
N ASN A 18 13.87 1.79 1.45
CA ASN A 18 13.51 1.40 0.09
C ASN A 18 12.12 1.88 -0.27
N PHE A 19 11.28 2.06 0.74
CA PHE A 19 9.89 2.45 0.52
C PHE A 19 9.50 3.83 1.04
N GLN A 20 10.50 4.66 1.32
CA GLN A 20 10.23 5.99 1.86
C GLN A 20 10.66 7.14 0.94
N GLN A 21 11.01 6.83 -0.30
CA GLN A 21 11.43 7.87 -1.24
C GLN A 21 10.21 8.29 -2.07
N PRO A 22 9.81 9.56 -1.94
CA PRO A 22 8.64 10.05 -2.68
C PRO A 22 8.61 9.92 -4.20
N TYR A 23 9.73 10.17 -4.85
CA TYR A 23 9.72 10.09 -6.30
C TYR A 23 9.32 8.72 -6.86
N ILE A 24 10.10 7.70 -6.53
CA ILE A 24 9.79 6.38 -7.05
C ILE A 24 8.52 5.78 -6.48
N THR A 25 8.17 6.15 -5.24
CA THR A 25 6.94 5.64 -4.64
C THR A 25 5.75 6.24 -5.40
N ASN A 26 5.86 7.51 -5.76
CA ASN A 26 4.79 8.18 -6.51
C ASN A 26 4.64 7.54 -7.89
N ARG A 27 5.77 7.26 -8.54
CA ARG A 27 5.75 6.62 -9.87
C ARG A 27 5.09 5.25 -9.76
N THR A 28 5.42 4.50 -8.71
CA THR A 28 4.85 3.19 -8.53
C THR A 28 3.33 3.25 -8.38
N PHE A 29 2.84 4.13 -7.52
CA PHE A 29 1.39 4.24 -7.34
C PHE A 29 0.69 4.77 -8.58
N MET A 30 1.35 5.66 -9.32
CA MET A 30 0.75 6.20 -10.53
C MET A 30 0.65 5.12 -11.61
N LEU A 31 1.66 4.26 -11.66
CA LEU A 31 1.64 3.18 -12.63
C LEU A 31 0.51 2.21 -12.30
N ALA A 32 0.32 1.96 -11.00
CA ALA A 32 -0.74 1.07 -10.56
C ALA A 32 -2.09 1.65 -10.95
N LYS A 33 -2.28 2.94 -10.68
CA LYS A 33 -3.53 3.60 -11.03
C LYS A 33 -3.83 3.47 -12.51
N GLU A 34 -2.88 3.86 -13.35
CA GLU A 34 -3.06 3.77 -14.79
C GLU A 34 -3.44 2.36 -15.24
N ALA A 35 -2.72 1.36 -14.75
CA ALA A 35 -3.02 -0.02 -15.13
C ALA A 35 -4.39 -0.46 -14.64
N SER A 36 -4.77 -0.04 -13.44
CA SER A 36 -6.06 -0.42 -12.89
C SER A 36 -7.18 0.13 -13.76
N LEU A 37 -6.93 1.24 -14.45
CA LEU A 37 -7.93 1.84 -15.31
C LEU A 37 -8.09 1.04 -16.59
N ALA A 38 -7.15 0.13 -16.81
CA ALA A 38 -7.19 -0.71 -18.00
C ALA A 38 -7.65 -2.12 -17.62
N ASP A 39 -7.91 -2.33 -16.33
CA ASP A 39 -8.34 -3.62 -15.83
C ASP A 39 -9.83 -3.66 -15.48
N ASN A 40 -10.60 -4.44 -16.25
CA ASN A 40 -12.04 -4.57 -16.01
C ASN A 40 -12.45 -5.75 -15.14
N ASN A 41 -11.47 -6.54 -14.70
CA ASN A 41 -11.76 -7.70 -13.86
C ASN A 41 -12.04 -7.24 -12.43
N THR A 42 -13.24 -6.71 -12.20
CA THR A 42 -13.62 -6.20 -10.89
C THR A 42 -13.93 -7.31 -9.88
N ASP A 43 -13.98 -8.55 -10.35
CA ASP A 43 -14.30 -9.69 -9.49
C ASP A 43 -13.09 -10.42 -8.91
N VAL A 44 -11.90 -10.11 -9.42
CA VAL A 44 -10.70 -10.80 -8.96
C VAL A 44 -9.67 -9.89 -8.29
N ARG A 45 -9.09 -10.39 -7.21
CA ARG A 45 -8.06 -9.69 -6.44
C ARG A 45 -6.88 -10.65 -6.39
N LEU A 46 -5.69 -10.17 -6.74
CA LEU A 46 -4.52 -11.04 -6.71
C LEU A 46 -3.85 -11.06 -5.35
N ILE A 47 -3.59 -9.88 -4.79
CA ILE A 47 -2.94 -9.78 -3.49
C ILE A 47 -3.99 -9.62 -2.38
N GLY A 48 -4.24 -10.69 -1.65
CA GLY A 48 -5.24 -10.62 -0.59
C GLY A 48 -5.07 -11.72 0.43
N GLU A 49 -6.07 -11.87 1.29
CA GLU A 49 -6.04 -12.87 2.37
C GLU A 49 -5.52 -14.25 1.98
N LYS A 50 -6.07 -14.82 0.91
CA LYS A 50 -5.66 -16.15 0.46
C LYS A 50 -4.16 -16.28 0.23
N LEU A 51 -3.54 -15.26 -0.34
CA LEU A 51 -2.11 -15.28 -0.62
C LEU A 51 -1.26 -15.47 0.64
N PHE A 52 -1.74 -14.91 1.76
CA PHE A 52 -1.00 -14.99 3.02
C PHE A 52 -1.49 -16.08 3.97
N HIS A 53 -2.60 -16.72 3.62
CA HIS A 53 -3.18 -17.77 4.45
C HIS A 53 -2.17 -18.85 4.85
N GLY A 54 -2.02 -19.06 6.14
CA GLY A 54 -1.09 -20.07 6.63
C GLY A 54 0.37 -19.64 6.68
N VAL A 55 0.68 -18.44 6.19
CA VAL A 55 2.05 -17.95 6.18
C VAL A 55 2.34 -17.14 7.45
N SER A 56 3.32 -17.57 8.24
CA SER A 56 3.67 -16.87 9.46
C SER A 56 4.43 -15.59 9.13
N MET A 57 4.39 -14.62 10.04
CA MET A 57 5.06 -13.34 9.83
C MET A 57 6.54 -13.45 9.48
N SER A 58 7.23 -14.45 10.01
CA SER A 58 8.65 -14.62 9.73
C SER A 58 8.93 -15.17 8.34
N GLU A 59 7.89 -15.59 7.63
CA GLU A 59 8.08 -16.11 6.27
C GLU A 59 7.45 -15.21 5.21
N ARG A 60 6.71 -14.20 5.64
CA ARG A 60 6.04 -13.29 4.71
C ARG A 60 6.98 -12.63 3.69
N CYS A 61 8.12 -12.11 4.15
CA CYS A 61 9.03 -11.46 3.21
C CYS A 61 9.49 -12.45 2.13
N TYR A 62 9.80 -13.69 2.52
CA TYR A 62 10.22 -14.71 1.57
C TYR A 62 9.08 -14.99 0.59
N LEU A 63 7.85 -15.00 1.10
CA LEU A 63 6.68 -15.21 0.27
C LEU A 63 6.60 -14.07 -0.76
N MET A 64 6.78 -12.83 -0.28
CA MET A 64 6.72 -11.66 -1.14
C MET A 64 7.82 -11.65 -2.19
N LYS A 65 8.95 -12.24 -1.85
CA LYS A 65 10.06 -12.35 -2.76
C LYS A 65 9.62 -13.18 -3.96
N GLN A 66 8.88 -14.26 -3.70
CA GLN A 66 8.41 -15.14 -4.76
C GLN A 66 7.38 -14.43 -5.62
N VAL A 67 6.50 -13.67 -4.97
CA VAL A 67 5.47 -12.94 -5.70
C VAL A 67 6.12 -11.88 -6.57
N LEU A 68 7.13 -11.21 -6.01
CA LEU A 68 7.85 -10.17 -6.73
C LEU A 68 8.56 -10.70 -7.96
N ASN A 69 9.31 -11.78 -7.79
CA ASN A 69 10.04 -12.36 -8.91
C ASN A 69 9.09 -12.85 -9.99
N PHE A 70 7.96 -13.42 -9.59
CA PHE A 70 6.98 -13.88 -10.56
C PHE A 70 6.47 -12.66 -11.33
N THR A 71 6.11 -11.63 -10.59
CA THR A 71 5.59 -10.43 -11.22
C THR A 71 6.58 -9.80 -12.17
N LEU A 72 7.86 -9.83 -11.82
CA LEU A 72 8.89 -9.26 -12.68
C LEU A 72 9.04 -10.07 -13.97
N GLU A 73 9.25 -11.37 -13.82
CA GLU A 73 9.46 -12.28 -14.94
C GLU A 73 8.30 -12.48 -15.91
N GLU A 74 7.11 -12.69 -15.37
CA GLU A 74 5.95 -12.95 -16.22
C GLU A 74 4.91 -11.85 -16.40
N VAL A 75 5.10 -10.72 -15.75
CA VAL A 75 4.16 -9.62 -15.91
C VAL A 75 4.86 -8.35 -16.40
N LEU A 76 5.72 -7.80 -15.56
CA LEU A 76 6.41 -6.57 -15.88
C LEU A 76 7.38 -6.65 -17.06
N PHE A 77 8.14 -7.72 -17.15
CA PHE A 77 9.07 -7.83 -18.26
C PHE A 77 8.31 -7.87 -19.59
N PRO A 78 7.31 -8.76 -19.69
CA PRO A 78 6.52 -8.86 -20.92
C PRO A 78 5.83 -7.54 -21.27
N GLN A 79 5.50 -6.77 -20.23
CA GLN A 79 4.82 -5.49 -20.40
C GLN A 79 5.75 -4.29 -20.23
N SER A 80 7.05 -4.57 -20.12
CA SER A 80 8.05 -3.53 -19.88
C SER A 80 8.07 -2.32 -20.81
N ASP A 81 7.65 -2.51 -22.06
CA ASP A 81 7.65 -1.39 -23.00
C ASP A 81 6.27 -0.75 -23.12
N ARG A 82 5.41 -1.03 -22.15
CA ARG A 82 4.06 -0.49 -22.15
C ARG A 82 3.90 0.47 -20.96
N PHE A 83 2.75 1.14 -20.87
CA PHE A 83 2.51 2.08 -19.78
C PHE A 83 3.65 3.09 -19.60
N GLN A 84 4.11 3.67 -20.72
CA GLN A 84 5.19 4.67 -20.67
C GLN A 84 4.63 5.95 -20.04
N PRO A 85 5.49 6.71 -19.32
CA PRO A 85 6.91 6.43 -19.08
C PRO A 85 7.19 5.84 -17.68
N TYR A 86 6.16 5.74 -16.85
CA TYR A 86 6.34 5.25 -15.48
C TYR A 86 6.83 3.81 -15.37
N MET A 87 6.42 2.97 -16.31
CA MET A 87 6.84 1.57 -16.30
C MET A 87 8.36 1.47 -16.32
N GLN A 88 9.00 2.29 -17.15
CA GLN A 88 10.45 2.26 -17.29
C GLN A 88 11.24 2.73 -16.07
N GLU A 89 10.56 3.34 -15.12
CA GLU A 89 11.23 3.79 -13.91
C GLU A 89 10.97 2.83 -12.76
N VAL A 90 9.77 2.27 -12.74
CA VAL A 90 9.36 1.33 -11.70
C VAL A 90 10.00 -0.05 -11.82
N VAL A 91 10.10 -0.57 -13.04
CA VAL A 91 10.69 -1.90 -13.21
C VAL A 91 12.11 -2.01 -12.64
N PRO A 92 13.01 -1.07 -12.97
CA PRO A 92 14.37 -1.14 -12.44
C PRO A 92 14.37 -1.10 -10.91
N PHE A 93 13.47 -0.31 -10.35
CA PHE A 93 13.33 -0.20 -8.90
C PHE A 93 12.95 -1.57 -8.30
N LEU A 94 11.89 -2.18 -8.81
CA LEU A 94 11.45 -3.49 -8.30
C LEU A 94 12.50 -4.57 -8.52
N ALA A 95 13.20 -4.51 -9.65
CA ALA A 95 14.24 -5.49 -9.95
C ALA A 95 15.37 -5.38 -8.91
N ARG A 96 15.67 -4.16 -8.48
CA ARG A 96 16.73 -3.99 -7.50
C ARG A 96 16.32 -4.60 -6.17
N LEU A 97 15.03 -4.52 -5.85
CA LEU A 97 14.56 -5.10 -4.60
C LEU A 97 14.69 -6.60 -4.71
N SER A 98 14.34 -7.12 -5.88
CA SER A 98 14.42 -8.54 -6.12
C SER A 98 15.88 -8.99 -5.93
N ASN A 99 16.79 -8.21 -6.49
CA ASN A 99 18.21 -8.54 -6.39
C ASN A 99 18.69 -8.53 -4.94
N ARG A 100 18.13 -7.63 -4.13
CA ARG A 100 18.50 -7.53 -2.72
C ARG A 100 18.04 -8.82 -1.99
N LEU A 101 16.84 -9.29 -2.32
CA LEU A 101 16.28 -10.48 -1.69
C LEU A 101 16.87 -11.77 -2.27
N SER A 102 17.50 -11.65 -3.42
CA SER A 102 18.08 -12.79 -4.10
C SER A 102 18.76 -13.83 -3.23
N THR A 103 18.27 -15.06 -3.34
CA THR A 103 18.85 -16.18 -2.62
C THR A 103 18.57 -16.25 -1.11
N CYS A 104 17.86 -15.26 -0.56
CA CYS A 104 17.50 -15.29 0.87
C CYS A 104 16.52 -16.40 0.97
N HIS A 105 16.43 -17.02 2.14
CA HIS A 105 15.51 -18.12 2.31
C HIS A 105 15.01 -18.23 3.74
N ILE A 106 14.14 -19.21 3.97
CA ILE A 106 13.59 -19.46 5.29
C ILE A 106 14.11 -20.81 5.78
N GLU A 107 14.28 -20.94 7.09
CA GLU A 107 14.80 -22.18 7.67
C GLU A 107 13.74 -23.27 7.78
N GLY A 108 12.49 -22.92 7.44
CA GLY A 108 11.41 -23.89 7.53
C GLY A 108 10.96 -24.37 6.17
N ASP A 109 9.91 -25.19 6.14
CA ASP A 109 9.39 -25.71 4.89
C ASP A 109 8.53 -24.64 4.22
N ASP A 110 8.66 -24.50 2.90
CA ASP A 110 7.90 -23.48 2.19
C ASP A 110 6.82 -24.05 1.27
N LEU A 111 6.39 -25.27 1.56
CA LEU A 111 5.37 -25.92 0.74
C LEU A 111 4.09 -25.09 0.69
N HIS A 112 3.68 -24.53 1.83
CA HIS A 112 2.47 -23.72 1.88
C HIS A 112 2.66 -22.44 1.08
N ILE A 113 3.88 -21.89 1.12
CA ILE A 113 4.18 -20.68 0.38
C ILE A 113 4.11 -20.94 -1.11
N GLN A 114 4.64 -22.08 -1.54
CA GLN A 114 4.63 -22.45 -2.95
C GLN A 114 3.20 -22.57 -3.47
N ARG A 115 2.33 -23.18 -2.66
CA ARG A 115 0.93 -23.35 -3.03
C ARG A 115 0.24 -22.00 -3.21
N ASN A 116 0.44 -21.10 -2.26
CA ASN A 116 -0.17 -19.79 -2.31
C ASN A 116 0.27 -18.98 -3.52
N VAL A 117 1.56 -19.07 -3.85
CA VAL A 117 2.09 -18.35 -5.00
C VAL A 117 1.56 -18.96 -6.29
N GLN A 118 1.50 -20.29 -6.33
CA GLN A 118 1.00 -20.99 -7.51
C GLN A 118 -0.43 -20.57 -7.85
N LYS A 119 -1.24 -20.37 -6.83
CA LYS A 119 -2.63 -19.96 -7.05
C LYS A 119 -2.67 -18.57 -7.67
N LEU A 120 -1.74 -17.71 -7.27
CA LEU A 120 -1.70 -16.37 -7.80
C LEU A 120 -1.29 -16.50 -9.27
N LYS A 121 -0.31 -17.34 -9.55
CA LYS A 121 0.14 -17.55 -10.92
C LYS A 121 -1.00 -18.09 -11.77
N ASP A 122 -1.72 -19.07 -11.22
CA ASP A 122 -2.84 -19.67 -11.94
C ASP A 122 -3.92 -18.64 -12.24
N THR A 123 -4.18 -17.76 -11.28
CA THR A 123 -5.20 -16.73 -11.45
C THR A 123 -4.84 -15.77 -12.57
N VAL A 124 -3.56 -15.41 -12.65
CA VAL A 124 -3.09 -14.50 -13.69
C VAL A 124 -3.27 -15.13 -15.06
N LYS A 125 -2.96 -16.42 -15.17
CA LYS A 125 -3.12 -17.13 -16.45
C LYS A 125 -4.58 -17.26 -16.84
N LYS A 126 -5.43 -17.55 -15.86
CA LYS A 126 -6.87 -17.70 -16.10
C LYS A 126 -7.42 -16.39 -16.69
N LEU A 127 -6.79 -15.28 -16.32
CA LEU A 127 -7.21 -13.96 -16.78
C LEU A 127 -6.53 -13.58 -18.09
N GLY A 128 -5.46 -14.30 -18.42
CA GLY A 128 -4.74 -14.03 -19.65
C GLY A 128 -4.03 -12.70 -19.61
N GLU A 129 -4.11 -11.98 -20.73
CA GLU A 129 -3.47 -10.67 -20.83
C GLU A 129 -3.93 -9.73 -19.72
N SER A 130 -5.23 -9.72 -19.46
CA SER A 130 -5.77 -8.86 -18.42
C SER A 130 -5.25 -9.27 -17.05
N GLY A 131 -4.67 -10.46 -16.96
CA GLY A 131 -4.12 -10.93 -15.71
C GLY A 131 -2.87 -10.12 -15.42
N GLU A 132 -2.08 -9.89 -16.47
CA GLU A 132 -0.87 -9.11 -16.37
C GLU A 132 -1.22 -7.66 -16.09
N ILE A 133 -2.29 -7.18 -16.72
CA ILE A 133 -2.75 -5.81 -16.52
C ILE A 133 -3.17 -5.64 -15.05
N LYS A 134 -3.90 -6.63 -14.53
CA LYS A 134 -4.35 -6.58 -13.15
C LYS A 134 -3.18 -6.53 -12.19
N ALA A 135 -2.17 -7.37 -12.43
CA ALA A 135 -0.98 -7.40 -11.57
C ALA A 135 -0.32 -6.03 -11.52
N ILE A 136 -0.27 -5.35 -12.67
CA ILE A 136 0.34 -4.03 -12.72
C ILE A 136 -0.58 -3.08 -11.95
N GLY A 137 -1.88 -3.28 -12.09
CA GLY A 137 -2.83 -2.44 -11.37
C GLY A 137 -2.73 -2.60 -9.87
N GLU A 138 -2.19 -3.73 -9.43
CA GLU A 138 -2.04 -4.00 -8.00
C GLU A 138 -0.62 -3.73 -7.50
N LEU A 139 0.18 -2.99 -8.27
CA LEU A 139 1.54 -2.70 -7.84
C LEU A 139 1.55 -1.91 -6.53
N ASP A 140 0.45 -1.21 -6.24
CA ASP A 140 0.36 -0.45 -5.02
C ASP A 140 0.26 -1.42 -3.83
N LEU A 141 -0.48 -2.51 -4.02
CA LEU A 141 -0.61 -3.52 -2.98
C LEU A 141 0.69 -4.32 -2.87
N LEU A 142 1.37 -4.50 -3.99
CA LEU A 142 2.62 -5.22 -4.01
C LEU A 142 3.64 -4.40 -3.24
N PHE A 143 3.67 -3.10 -3.54
CA PHE A 143 4.59 -2.19 -2.89
C PHE A 143 4.38 -2.23 -1.38
N MET A 144 3.14 -2.09 -0.95
CA MET A 144 2.82 -2.08 0.47
C MET A 144 3.02 -3.42 1.15
N SER A 145 2.80 -4.51 0.43
CA SER A 145 2.96 -5.85 0.99
C SER A 145 4.46 -6.15 1.17
N LEU A 146 5.27 -5.75 0.20
CA LEU A 146 6.72 -5.95 0.30
C LEU A 146 7.23 -5.17 1.51
N ARG A 147 6.79 -3.93 1.63
CA ARG A 147 7.21 -3.07 2.74
C ARG A 147 6.77 -3.67 4.07
N ASN A 148 5.48 -3.99 4.19
CA ASN A 148 4.97 -4.54 5.43
C ASN A 148 5.58 -5.88 5.83
N ALA A 149 5.83 -6.76 4.87
CA ALA A 149 6.39 -8.07 5.18
C ALA A 149 7.90 -8.08 5.35
N CYS A 150 8.59 -7.10 4.77
CA CYS A 150 10.06 -7.15 4.80
C CYS A 150 10.82 -6.15 5.70
N ILE A 151 10.22 -5.06 6.13
CA ILE A 151 10.95 -4.09 6.95
C ILE A 151 11.12 -4.58 8.39
N HIS B 11 -21.03 9.58 -4.58
CA HIS B 11 -19.93 8.66 -4.18
C HIS B 11 -18.63 9.42 -3.93
N CYS B 12 -17.67 8.74 -3.32
CA CYS B 12 -16.42 9.39 -3.01
C CYS B 12 -15.45 9.53 -4.19
N ARG B 13 -14.90 10.73 -4.37
CA ARG B 13 -13.94 11.02 -5.44
C ARG B 13 -13.27 12.37 -5.21
N LEU B 14 -12.05 12.52 -5.72
CA LEU B 14 -11.29 13.76 -5.56
C LEU B 14 -10.66 14.19 -6.88
N ASP B 15 -10.68 15.49 -7.14
CA ASP B 15 -10.10 16.02 -8.36
C ASP B 15 -8.59 15.83 -8.38
N LYS B 16 -8.04 15.51 -9.56
CA LYS B 16 -6.60 15.29 -9.72
C LYS B 16 -5.78 16.45 -9.18
N SER B 17 -6.31 17.66 -9.33
CA SER B 17 -5.63 18.85 -8.86
C SER B 17 -5.25 18.77 -7.39
N ASN B 18 -6.13 18.19 -6.58
CA ASN B 18 -5.87 18.06 -5.14
C ASN B 18 -4.58 17.32 -4.83
N PHE B 19 -4.14 16.43 -5.72
CA PHE B 19 -2.92 15.67 -5.50
C PHE B 19 -1.71 16.12 -6.32
N GLN B 20 -1.85 17.22 -7.04
CA GLN B 20 -0.73 17.73 -7.82
C GLN B 20 0.00 18.74 -6.93
N GLN B 21 0.54 18.22 -5.83
CA GLN B 21 1.27 19.03 -4.87
C GLN B 21 2.59 18.36 -4.53
N PRO B 22 3.65 18.63 -5.31
CA PRO B 22 4.95 18.01 -5.05
C PRO B 22 5.52 18.38 -3.68
N TYR B 23 5.37 19.65 -3.29
CA TYR B 23 5.90 20.09 -2.01
C TYR B 23 5.31 19.29 -0.85
N ILE B 24 3.99 19.28 -0.76
CA ILE B 24 3.30 18.55 0.30
C ILE B 24 3.59 17.05 0.28
N THR B 25 3.74 16.50 -0.92
CA THR B 25 4.03 15.07 -1.05
C THR B 25 5.38 14.79 -0.39
N ASN B 26 6.37 15.60 -0.75
CA ASN B 26 7.71 15.44 -0.17
C ASN B 26 7.68 15.63 1.34
N ARG B 27 6.96 16.66 1.79
CA ARG B 27 6.87 16.94 3.23
C ARG B 27 6.16 15.81 3.97
N THR B 28 5.20 15.17 3.31
CA THR B 28 4.46 14.08 3.92
C THR B 28 5.42 12.92 4.13
N PHE B 29 6.24 12.64 3.12
CA PHE B 29 7.20 11.55 3.22
C PHE B 29 8.27 11.88 4.27
N MET B 30 8.60 13.16 4.43
CA MET B 30 9.61 13.50 5.43
C MET B 30 9.02 13.33 6.82
N LEU B 31 7.76 13.71 6.97
CA LEU B 31 7.09 13.57 8.26
C LEU B 31 7.04 12.08 8.61
N ALA B 32 6.68 11.25 7.64
CA ALA B 32 6.59 9.81 7.85
C ALA B 32 7.96 9.22 8.22
N LYS B 33 9.01 9.68 7.56
CA LYS B 33 10.36 9.21 7.88
C LYS B 33 10.75 9.55 9.30
N GLU B 34 10.48 10.79 9.70
CA GLU B 34 10.82 11.25 11.04
C GLU B 34 10.13 10.42 12.12
N ALA B 35 8.83 10.23 11.99
CA ALA B 35 8.08 9.44 12.96
C ALA B 35 8.52 7.98 12.92
N SER B 36 8.87 7.49 11.74
CA SER B 36 9.29 6.10 11.60
C SER B 36 10.54 5.79 12.42
N LEU B 37 11.35 6.83 12.69
CA LEU B 37 12.57 6.66 13.48
C LEU B 37 12.26 6.16 14.88
N ALA B 38 11.10 6.55 15.40
CA ALA B 38 10.70 6.16 16.75
C ALA B 38 9.76 4.96 16.78
N ASP B 39 9.51 4.37 15.62
CA ASP B 39 8.62 3.22 15.51
C ASP B 39 9.39 1.97 15.14
N ASN B 40 9.11 0.84 15.80
CA ASN B 40 9.79 -0.40 15.47
C ASN B 40 9.26 -0.90 14.12
N ASN B 41 10.10 -0.86 13.10
CA ASN B 41 9.67 -1.28 11.77
C ASN B 41 9.11 -2.69 11.69
N THR B 42 9.76 -3.63 12.34
CA THR B 42 9.29 -5.01 12.30
C THR B 42 8.02 -5.24 13.12
N ASP B 43 7.49 -4.17 13.72
CA ASP B 43 6.28 -4.27 14.51
C ASP B 43 5.07 -4.34 13.59
N VAL B 44 3.89 -4.59 14.16
CA VAL B 44 2.66 -4.68 13.38
C VAL B 44 2.47 -3.44 12.51
N ARG B 45 1.82 -3.62 11.37
CA ARG B 45 1.57 -2.53 10.44
C ARG B 45 0.12 -2.05 10.48
N LEU B 46 -0.18 -1.01 9.72
CA LEU B 46 -1.53 -0.43 9.68
C LEU B 46 -2.17 -0.44 8.30
N ILE B 47 -1.49 0.16 7.35
CA ILE B 47 -1.97 0.24 5.97
C ILE B 47 -1.37 -0.89 5.14
N GLY B 48 -2.22 -1.76 4.61
CA GLY B 48 -1.75 -2.87 3.80
C GLY B 48 -2.90 -3.58 3.13
N GLU B 49 -2.58 -4.65 2.41
CA GLU B 49 -3.58 -5.42 1.69
C GLU B 49 -4.77 -5.82 2.56
N LYS B 50 -4.50 -6.13 3.83
CA LYS B 50 -5.57 -6.54 4.74
C LYS B 50 -6.65 -5.49 4.89
N LEU B 51 -6.26 -4.22 4.85
CA LEU B 51 -7.20 -3.11 4.98
C LEU B 51 -8.22 -3.15 3.82
N PHE B 52 -7.84 -3.73 2.70
CA PHE B 52 -8.71 -3.78 1.54
C PHE B 52 -9.44 -5.11 1.34
N HIS B 53 -9.37 -6.00 2.33
CA HIS B 53 -10.03 -7.30 2.26
C HIS B 53 -11.52 -7.17 1.96
N GLY B 54 -11.94 -7.70 0.82
CA GLY B 54 -13.34 -7.64 0.44
C GLY B 54 -13.85 -6.29 0.03
N VAL B 55 -12.94 -5.34 -0.21
CA VAL B 55 -13.34 -3.99 -0.62
C VAL B 55 -13.18 -3.83 -2.13
N SER B 56 -14.29 -3.62 -2.83
CA SER B 56 -14.24 -3.45 -4.28
C SER B 56 -13.52 -2.14 -4.60
N MET B 57 -13.09 -1.99 -5.85
CA MET B 57 -12.40 -0.78 -6.29
C MET B 57 -13.25 0.47 -6.10
N SER B 58 -14.55 0.32 -6.23
CA SER B 58 -15.46 1.45 -6.11
C SER B 58 -15.68 1.89 -4.68
N GLU B 59 -15.24 1.06 -3.73
CA GLU B 59 -15.40 1.35 -2.32
C GLU B 59 -14.10 1.87 -1.68
N ARG B 60 -13.00 1.78 -2.40
CA ARG B 60 -11.70 2.22 -1.89
C ARG B 60 -11.60 3.66 -1.37
N CYS B 61 -12.15 4.62 -2.10
CA CYS B 61 -12.04 6.00 -1.65
C CYS B 61 -12.83 6.21 -0.35
N TYR B 62 -13.99 5.58 -0.26
CA TYR B 62 -14.83 5.67 0.94
C TYR B 62 -14.07 5.02 2.09
N LEU B 63 -13.40 3.92 1.79
CA LEU B 63 -12.60 3.20 2.77
C LEU B 63 -11.48 4.12 3.29
N MET B 64 -10.74 4.73 2.38
CA MET B 64 -9.66 5.62 2.75
C MET B 64 -10.16 6.88 3.46
N LYS B 65 -11.38 7.30 3.14
CA LYS B 65 -11.96 8.47 3.80
C LYS B 65 -12.07 8.17 5.29
N GLN B 66 -12.55 6.97 5.63
CA GLN B 66 -12.69 6.59 7.02
C GLN B 66 -11.32 6.61 7.71
N VAL B 67 -10.32 6.05 7.05
CA VAL B 67 -8.97 6.01 7.60
C VAL B 67 -8.42 7.43 7.76
N LEU B 68 -8.59 8.24 6.72
CA LEU B 68 -8.13 9.63 6.75
C LEU B 68 -8.71 10.42 7.93
N ASN B 69 -10.02 10.32 8.13
CA ASN B 69 -10.69 11.05 9.22
C ASN B 69 -10.27 10.57 10.60
N PHE B 70 -10.15 9.25 10.75
CA PHE B 70 -9.72 8.70 12.03
C PHE B 70 -8.33 9.22 12.34
N THR B 71 -7.44 9.15 11.36
CA THR B 71 -6.07 9.59 11.54
C THR B 71 -5.99 11.09 11.86
N LEU B 72 -6.77 11.90 11.16
CA LEU B 72 -6.75 13.34 11.42
C LEU B 72 -7.22 13.66 12.84
N GLU B 73 -8.40 13.17 13.20
CA GLU B 73 -8.97 13.45 14.51
C GLU B 73 -8.34 12.76 15.71
N GLU B 74 -7.97 11.49 15.55
CA GLU B 74 -7.41 10.73 16.66
C GLU B 74 -5.89 10.69 16.73
N VAL B 75 -5.22 11.11 15.67
CA VAL B 75 -3.76 11.08 15.65
C VAL B 75 -3.08 12.40 15.35
N LEU B 76 -3.38 12.97 14.18
CA LEU B 76 -2.76 14.21 13.76
C LEU B 76 -3.13 15.42 14.59
N PHE B 77 -4.42 15.70 14.75
CA PHE B 77 -4.78 16.86 15.55
C PHE B 77 -4.11 16.83 16.92
N PRO B 78 -4.15 15.67 17.61
CA PRO B 78 -3.53 15.54 18.94
C PRO B 78 -2.01 15.73 18.90
N GLN B 79 -1.38 15.47 17.76
CA GLN B 79 0.06 15.62 17.60
C GLN B 79 0.38 16.86 16.76
N SER B 80 -0.63 17.70 16.51
CA SER B 80 -0.47 18.88 15.68
C SER B 80 0.67 19.84 16.06
N ASP B 81 1.12 19.78 17.30
CA ASP B 81 2.21 20.66 17.74
C ASP B 81 3.57 19.98 17.74
N ARG B 82 3.60 18.71 17.34
CA ARG B 82 4.85 17.96 17.30
C ARG B 82 5.31 17.75 15.86
N PHE B 83 6.48 17.11 15.72
CA PHE B 83 7.04 16.82 14.41
C PHE B 83 7.10 18.05 13.52
N GLN B 84 7.55 19.16 14.08
CA GLN B 84 7.68 20.41 13.33
C GLN B 84 8.91 20.32 12.41
N PRO B 85 8.86 21.01 11.26
CA PRO B 85 7.76 21.85 10.77
C PRO B 85 6.85 21.11 9.80
N TYR B 86 7.11 19.82 9.61
CA TYR B 86 6.33 19.01 8.68
C TYR B 86 4.85 18.93 8.99
N MET B 87 4.53 18.52 10.21
CA MET B 87 3.14 18.38 10.65
C MET B 87 2.27 19.60 10.35
N GLN B 88 2.80 20.78 10.63
CA GLN B 88 2.06 22.02 10.44
C GLN B 88 1.60 22.31 9.01
N GLU B 89 2.25 21.70 8.02
CA GLU B 89 1.87 21.92 6.64
C GLU B 89 1.00 20.78 6.11
N VAL B 90 1.34 19.57 6.51
CA VAL B 90 0.60 18.39 6.08
C VAL B 90 -0.82 18.32 6.60
N VAL B 91 -1.02 18.61 7.89
CA VAL B 91 -2.35 18.53 8.47
C VAL B 91 -3.39 19.42 7.78
N PRO B 92 -3.07 20.70 7.54
CA PRO B 92 -4.05 21.56 6.88
C PRO B 92 -4.47 20.96 5.53
N PHE B 93 -3.49 20.46 4.80
CA PHE B 93 -3.71 19.84 3.50
C PHE B 93 -4.64 18.64 3.62
N LEU B 94 -4.32 17.74 4.55
CA LEU B 94 -5.17 16.56 4.76
C LEU B 94 -6.58 16.95 5.24
N ALA B 95 -6.68 18.02 6.03
CA ALA B 95 -7.97 18.48 6.55
C ALA B 95 -8.82 18.92 5.35
N ARG B 96 -8.22 19.67 4.40
CA ARG B 96 -8.93 20.15 3.21
C ARG B 96 -9.52 18.97 2.43
N LEU B 97 -8.70 17.92 2.27
CA LEU B 97 -9.16 16.74 1.56
C LEU B 97 -10.34 16.08 2.26
N SER B 98 -10.27 16.04 3.58
CA SER B 98 -11.34 15.46 4.38
C SER B 98 -12.59 16.28 4.11
N ASN B 99 -12.41 17.59 4.05
CA ASN B 99 -13.49 18.53 3.80
C ASN B 99 -14.11 18.22 2.42
N ARG B 100 -13.25 17.96 1.44
CA ARG B 100 -13.71 17.65 0.09
C ARG B 100 -14.54 16.37 0.06
N LEU B 101 -14.16 15.38 0.86
CA LEU B 101 -14.86 14.11 0.92
C LEU B 101 -16.13 14.12 1.77
N SER B 102 -16.48 15.29 2.28
CA SER B 102 -17.66 15.45 3.14
C SER B 102 -18.86 14.59 2.79
N THR B 103 -19.28 13.76 3.74
CA THR B 103 -20.44 12.89 3.60
C THR B 103 -20.52 11.94 2.41
N CYS B 104 -19.56 11.99 1.49
CA CYS B 104 -19.60 11.08 0.35
C CYS B 104 -19.67 9.67 0.91
N HIS B 105 -20.52 8.83 0.34
CA HIS B 105 -20.67 7.47 0.83
C HIS B 105 -20.90 6.45 -0.28
N ILE B 106 -21.20 5.22 0.12
CA ILE B 106 -21.44 4.15 -0.84
C ILE B 106 -22.90 3.70 -0.86
N GLU B 107 -23.20 2.76 -1.76
CA GLU B 107 -24.54 2.22 -1.93
C GLU B 107 -25.14 1.60 -0.66
N GLY B 108 -24.90 0.30 -0.47
CA GLY B 108 -25.44 -0.37 0.70
C GLY B 108 -24.53 -1.32 1.44
N ASP B 109 -24.61 -1.27 2.76
CA ASP B 109 -23.85 -2.12 3.66
C ASP B 109 -22.34 -1.97 3.60
N ASP B 110 -21.82 -1.12 4.47
CA ASP B 110 -20.38 -0.86 4.55
C ASP B 110 -19.75 -1.63 5.71
N LEU B 111 -20.43 -2.68 6.18
CA LEU B 111 -19.96 -3.48 7.31
C LEU B 111 -18.53 -3.98 7.13
N HIS B 112 -18.23 -4.55 5.97
CA HIS B 112 -16.89 -5.07 5.71
C HIS B 112 -15.84 -3.95 5.77
N ILE B 113 -16.24 -2.76 5.36
CA ILE B 113 -15.34 -1.62 5.38
C ILE B 113 -15.08 -1.19 6.82
N GLN B 114 -16.15 -1.03 7.60
CA GLN B 114 -16.01 -0.62 8.98
C GLN B 114 -15.18 -1.62 9.78
N ARG B 115 -15.36 -2.90 9.49
CA ARG B 115 -14.62 -3.95 10.20
C ARG B 115 -13.13 -3.86 9.91
N ASN B 116 -12.78 -3.58 8.65
CA ASN B 116 -11.38 -3.47 8.27
C ASN B 116 -10.76 -2.25 8.94
N VAL B 117 -11.51 -1.16 9.00
CA VAL B 117 -11.03 0.07 9.62
C VAL B 117 -10.90 -0.13 11.14
N GLN B 118 -11.84 -0.87 11.71
CA GLN B 118 -11.81 -1.13 13.15
C GLN B 118 -10.48 -1.79 13.54
N LYS B 119 -10.00 -2.70 12.69
CA LYS B 119 -8.74 -3.37 12.98
C LYS B 119 -7.59 -2.38 13.08
N LEU B 120 -7.52 -1.45 12.12
CA LEU B 120 -6.47 -0.45 12.11
C LEU B 120 -6.61 0.41 13.36
N LYS B 121 -7.84 0.82 13.65
CA LYS B 121 -8.14 1.64 14.82
C LYS B 121 -7.74 0.96 16.13
N ASP B 122 -8.06 -0.31 16.28
CA ASP B 122 -7.70 -1.03 17.51
C ASP B 122 -6.19 -1.09 17.73
N THR B 123 -5.45 -1.33 16.67
CA THR B 123 -4.01 -1.42 16.75
C THR B 123 -3.43 -0.11 17.23
N VAL B 124 -3.93 0.99 16.67
CA VAL B 124 -3.45 2.30 17.07
C VAL B 124 -3.80 2.60 18.53
N LYS B 125 -5.03 2.32 18.92
CA LYS B 125 -5.48 2.60 20.29
C LYS B 125 -4.81 1.74 21.34
N LYS B 126 -4.64 0.46 21.05
CA LYS B 126 -4.00 -0.43 22.02
C LYS B 126 -2.56 0.02 22.34
N LEU B 127 -1.91 0.60 21.34
CA LEU B 127 -0.53 1.06 21.49
C LEU B 127 -0.37 2.43 22.11
N GLY B 128 -1.47 3.13 22.36
CA GLY B 128 -1.38 4.43 22.98
C GLY B 128 -0.57 5.41 22.16
N GLU B 129 0.30 6.17 22.81
CA GLU B 129 1.12 7.15 22.10
C GLU B 129 1.94 6.54 20.97
N SER B 130 2.47 5.35 21.21
CA SER B 130 3.27 4.65 20.21
C SER B 130 2.39 4.37 19.00
N GLY B 131 1.11 4.15 19.24
CA GLY B 131 0.17 3.87 18.15
C GLY B 131 0.06 5.09 17.26
N GLU B 132 0.03 6.26 17.88
CA GLU B 132 -0.06 7.51 17.15
C GLU B 132 1.21 7.72 16.32
N ILE B 133 2.36 7.47 16.93
CA ILE B 133 3.64 7.63 16.24
C ILE B 133 3.69 6.69 15.04
N LYS B 134 3.25 5.46 15.23
CA LYS B 134 3.25 4.47 14.15
C LYS B 134 2.37 4.94 13.00
N ALA B 135 1.23 5.53 13.33
CA ALA B 135 0.31 6.02 12.32
C ALA B 135 0.92 7.16 11.49
N ILE B 136 1.66 8.04 12.16
CA ILE B 136 2.29 9.16 11.47
C ILE B 136 3.43 8.61 10.59
N GLY B 137 4.05 7.53 11.04
CA GLY B 137 5.15 6.92 10.29
C GLY B 137 4.66 6.29 9.00
N GLU B 138 3.36 6.07 8.92
CA GLU B 138 2.75 5.47 7.73
C GLU B 138 1.93 6.48 6.93
N LEU B 139 2.07 7.75 7.24
CA LEU B 139 1.33 8.78 6.53
C LEU B 139 1.65 8.80 5.05
N ASP B 140 2.82 8.30 4.67
CA ASP B 140 3.18 8.27 3.26
C ASP B 140 2.26 7.27 2.55
N LEU B 141 2.03 6.12 3.17
CA LEU B 141 1.15 5.11 2.59
C LEU B 141 -0.30 5.61 2.58
N LEU B 142 -0.65 6.39 3.58
CA LEU B 142 -2.01 6.91 3.66
C LEU B 142 -2.23 7.87 2.50
N PHE B 143 -1.27 8.75 2.28
CA PHE B 143 -1.34 9.74 1.23
C PHE B 143 -1.43 9.09 -0.16
N MET B 144 -0.54 8.13 -0.41
CA MET B 144 -0.54 7.46 -1.70
C MET B 144 -1.78 6.61 -1.92
N SER B 145 -2.23 5.93 -0.87
CA SER B 145 -3.42 5.08 -0.97
C SER B 145 -4.66 5.92 -1.24
N LEU B 146 -4.73 7.07 -0.59
CA LEU B 146 -5.86 7.97 -0.75
C LEU B 146 -5.93 8.47 -2.20
N ARG B 147 -4.78 8.86 -2.73
CA ARG B 147 -4.67 9.35 -4.11
C ARG B 147 -5.17 8.29 -5.10
N ASN B 148 -4.62 7.09 -5.02
CA ASN B 148 -5.03 6.01 -5.93
C ASN B 148 -6.46 5.52 -5.75
N ALA B 149 -7.02 5.72 -4.56
CA ALA B 149 -8.37 5.27 -4.30
C ALA B 149 -9.42 6.32 -4.64
N CYS B 150 -9.03 7.59 -4.63
CA CYS B 150 -9.99 8.66 -4.85
C CYS B 150 -9.93 9.45 -6.17
N ILE B 151 -8.78 9.50 -6.85
CA ILE B 151 -8.73 10.25 -8.09
C ILE B 151 -9.37 9.47 -9.24
#